data_7K9W
#
_entry.id   7K9W
#
_cell.length_a   145.503
_cell.length_b   44.953
_cell.length_c   77.542
_cell.angle_alpha   90.000
_cell.angle_beta   103.623
_cell.angle_gamma   90.000
#
_symmetry.space_group_name_H-M   'C 1 2 1'
#
loop_
_entity.id
_entity.type
_entity.pdbx_description
1 polymer 'Hsp90-like protein'
2 non-polymer (1,3-dihydro-2H-isoindol-2-yl)(2,4-dihydroxy-6-{[3-(3-methoxyphenyl)-1-methyl-1H-pyrazol-5-yl]amino}phenyl)methanone
3 non-polymer BENZAMIDINE
4 non-polymer 'CHLORIDE ION'
5 water water
#
_entity_poly.entity_id   1
_entity_poly.type   'polypeptide(L)'
_entity_poly.pdbx_seq_one_letter_code
;GPGSMSTETFGFQAEISQLLDLIINTFYSNKEIFLRELISNSSDALDKIRYAALTDPSQLDSEKDLYIRIIPNKEEGTLT
IRDTGIGMTKADLVNNLGTIAKSGTKAFMEALSSGADISMIGQFGVGFYSSYLVAEKVQVTTKHNDDEQYIWESAAGGTF
TITEDTEGPRLGRGTSMKLFIKEDLKEYLEEKRIREIVKKHSEFISYPIQLVVTKETEK
;
_entity_poly.pdbx_strand_id   A,B
#
loop_
_chem_comp.id
_chem_comp.type
_chem_comp.name
_chem_comp.formula
BEN non-polymer BENZAMIDINE 'C7 H8 N2'
CL non-polymer 'CHLORIDE ION' 'Cl -1'
W8S non-polymer (1,3-dihydro-2H-isoindol-2-yl)(2,4-dihydroxy-6-{[3-(3-methoxyphenyl)-1-methyl-1H-pyrazol-5-yl]amino}phenyl)methanone 'C26 H24 N4 O4'
#
# COMPACT_ATOMS: atom_id res chain seq x y z
N PHE A 10 14.97 21.51 30.36
CA PHE A 10 15.38 20.26 29.72
C PHE A 10 14.18 19.45 29.25
N GLY A 11 14.43 18.51 28.34
CA GLY A 11 13.36 17.66 27.82
C GLY A 11 13.19 16.36 28.58
N PHE A 12 14.29 15.79 29.05
CA PHE A 12 14.30 14.55 29.84
C PHE A 12 13.78 13.35 29.04
N GLN A 13 13.88 13.39 27.72
CA GLN A 13 13.34 12.28 26.93
C GLN A 13 14.15 11.00 27.14
N ALA A 14 15.46 11.13 27.35
CA ALA A 14 16.28 9.97 27.64
C ALA A 14 15.80 9.26 28.91
N GLU A 15 15.59 10.04 29.97
CA GLU A 15 15.15 9.46 31.25
C GLU A 15 13.73 8.91 31.16
N ILE A 16 12.82 9.64 30.54
CA ILE A 16 11.42 9.21 30.49
C ILE A 16 11.28 7.92 29.68
N SER A 17 11.96 7.85 28.53
CA SER A 17 11.85 6.64 27.72
C SER A 17 12.54 5.44 28.39
N GLN A 18 13.61 5.67 29.15
CA GLN A 18 14.20 4.53 29.90
C GLN A 18 13.22 4.04 30.96
N LEU A 19 12.60 4.96 31.70
CA LEU A 19 11.69 4.56 32.75
C LEU A 19 10.51 3.78 32.19
N LEU A 20 9.88 4.33 31.14
CA LEU A 20 8.70 3.69 30.56
C LEU A 20 9.03 2.34 29.95
N ASP A 21 10.14 2.26 29.20
CA ASP A 21 10.63 0.97 28.71
C ASP A 21 10.74 -0.05 29.83
N LEU A 22 11.32 0.35 30.96
CA LEU A 22 11.47 -0.62 32.04
C LEU A 22 10.13 -0.93 32.69
N ILE A 23 9.31 0.07 32.97
CA ILE A 23 8.07 -0.19 33.70
C ILE A 23 7.09 -0.97 32.83
N ILE A 24 6.93 -0.56 31.57
CA ILE A 24 5.96 -1.20 30.70
C ILE A 24 6.30 -2.67 30.48
N ASN A 25 7.57 -2.96 30.18
CA ASN A 25 7.96 -4.35 29.94
C ASN A 25 7.89 -5.19 31.21
N THR A 26 8.00 -4.57 32.38
CA THR A 26 7.89 -5.31 33.64
C THR A 26 6.46 -5.78 33.89
N PHE A 27 5.48 -4.88 33.74
CA PHE A 27 4.14 -5.10 34.26
C PHE A 27 3.12 -5.57 33.22
N TYR A 28 3.40 -5.41 31.92
CA TYR A 28 2.50 -5.91 30.87
C TYR A 28 3.13 -7.15 30.25
N SER A 29 2.74 -8.32 30.73
CA SER A 29 3.30 -9.55 30.20
C SER A 29 2.68 -9.98 28.89
N ASN A 30 1.48 -9.46 28.56
CA ASN A 30 0.84 -9.73 27.28
C ASN A 30 1.29 -8.67 26.29
N LYS A 31 2.39 -8.95 25.58
CA LYS A 31 3.01 -7.96 24.73
C LYS A 31 2.13 -7.54 23.56
N GLU A 32 1.12 -8.34 23.21
CA GLU A 32 0.38 -8.09 21.97
C GLU A 32 -0.49 -6.85 22.03
N ILE A 33 -0.76 -6.31 23.22
CA ILE A 33 -1.58 -5.11 23.32
C ILE A 33 -0.92 -3.89 22.70
N PHE A 34 0.36 -3.97 22.31
CA PHE A 34 0.98 -2.83 21.64
C PHE A 34 0.20 -2.49 20.37
N LEU A 35 -0.30 -3.50 19.67
CA LEU A 35 -1.02 -3.26 18.43
C LEU A 35 -2.39 -2.65 18.69
N ARG A 36 -3.00 -3.00 19.84
CA ARG A 36 -4.26 -2.38 20.22
C ARG A 36 -4.08 -0.88 20.42
N GLU A 37 -2.97 -0.48 21.03
CA GLU A 37 -2.74 0.93 21.34
C GLU A 37 -2.41 1.74 20.09
N LEU A 38 -1.70 1.13 19.13
CA LEU A 38 -1.38 1.82 17.88
C LEU A 38 -2.64 2.04 17.05
N ILE A 39 -3.46 0.99 16.92
CA ILE A 39 -4.68 1.10 16.11
C ILE A 39 -5.62 2.11 16.73
N SER A 40 -5.68 2.13 18.07
CA SER A 40 -6.56 3.04 18.78
C SER A 40 -6.10 4.49 18.61
N ASN A 41 -4.78 4.72 18.63
CA ASN A 41 -4.29 6.06 18.33
C ASN A 41 -4.59 6.45 16.89
N SER A 42 -4.40 5.51 15.95
CA SER A 42 -4.71 5.78 14.54
C SER A 42 -6.19 6.12 14.39
N SER A 43 -7.06 5.30 14.99
CA SER A 43 -8.49 5.56 14.93
C SER A 43 -8.83 6.96 15.44
N ASP A 44 -8.22 7.37 16.57
CA ASP A 44 -8.45 8.71 17.11
C ASP A 44 -8.05 9.79 16.11
N ALA A 45 -6.87 9.66 15.49
CA ALA A 45 -6.43 10.64 14.50
C ALA A 45 -7.33 10.66 13.27
N LEU A 46 -7.90 9.50 12.92
CA LEU A 46 -8.82 9.45 11.79
C LEU A 46 -10.14 10.13 12.11
N ASP A 47 -10.67 9.91 13.32
CA ASP A 47 -11.83 10.67 13.80
C ASP A 47 -11.61 12.16 13.66
N LYS A 48 -10.40 12.63 13.96
CA LYS A 48 -10.13 14.07 13.95
C LYS A 48 -10.19 14.63 12.54
N ILE A 49 -9.63 13.93 11.56
CA ILE A 49 -9.70 14.47 10.20
C ILE A 49 -11.10 14.29 9.60
N ARG A 50 -11.78 13.20 9.93
CA ARG A 50 -13.16 13.03 9.45
C ARG A 50 -14.04 14.17 9.91
N TYR A 51 -13.84 14.60 11.16
CA TYR A 51 -14.63 15.69 11.75
C TYR A 51 -14.26 17.05 11.16
N ALA A 52 -12.96 17.33 11.01
CA ALA A 52 -12.52 18.58 10.40
C ALA A 52 -13.01 18.70 8.95
N ALA A 53 -13.16 17.57 8.24
CA ALA A 53 -13.61 17.63 6.86
C ALA A 53 -15.09 17.92 6.74
N LEU A 54 -15.87 17.74 7.81
CA LEU A 54 -17.29 18.05 7.74
C LEU A 54 -17.51 19.51 7.39
N THR A 55 -16.77 20.41 8.04
CA THR A 55 -16.89 21.83 7.77
C THR A 55 -15.96 22.29 6.65
N ASP A 56 -14.89 21.56 6.36
CA ASP A 56 -13.95 21.91 5.30
C ASP A 56 -13.57 20.67 4.50
N PRO A 57 -14.40 20.28 3.52
CA PRO A 57 -14.05 19.16 2.63
C PRO A 57 -12.63 19.18 2.08
N SER A 58 -12.06 20.36 1.83
CA SER A 58 -10.72 20.44 1.24
C SER A 58 -9.64 19.85 2.13
N GLN A 59 -9.94 19.58 3.41
CA GLN A 59 -8.98 18.93 4.30
C GLN A 59 -8.59 17.55 3.82
N LEU A 60 -9.42 16.91 2.99
CA LEU A 60 -9.12 15.57 2.50
C LEU A 60 -8.38 15.58 1.18
N ASP A 61 -8.13 16.76 0.59
CA ASP A 61 -7.45 16.83 -0.69
C ASP A 61 -6.06 16.21 -0.66
N SER A 62 -5.42 16.13 0.52
CA SER A 62 -4.11 15.51 0.61
C SER A 62 -4.19 13.99 0.60
N GLU A 63 -5.36 13.42 0.92
CA GLU A 63 -5.59 11.98 0.95
C GLU A 63 -7.08 11.70 1.15
N LYS A 64 -7.73 11.09 0.17
CA LYS A 64 -9.19 10.99 0.18
C LYS A 64 -9.67 9.82 1.04
N ASP A 65 -8.86 8.78 1.21
CA ASP A 65 -9.30 7.57 1.89
C ASP A 65 -8.80 7.56 3.33
N LEU A 66 -9.68 7.15 4.24
CA LEU A 66 -9.37 7.05 5.67
C LEU A 66 -9.20 5.57 6.03
N TYR A 67 -7.98 5.15 6.31
CA TYR A 67 -7.74 3.75 6.58
C TYR A 67 -6.52 3.60 7.49
N ILE A 68 -6.37 2.38 8.02
CA ILE A 68 -5.21 1.94 8.77
C ILE A 68 -4.59 0.76 8.02
N ARG A 69 -3.28 0.79 7.82
CA ARG A 69 -2.59 -0.25 7.06
C ARG A 69 -1.38 -0.74 7.85
N ILE A 70 -1.20 -2.06 7.90
CA ILE A 70 -0.11 -2.71 8.62
C ILE A 70 0.81 -3.38 7.61
N ILE A 71 2.10 -3.09 7.71
CA ILE A 71 3.04 -3.58 6.70
C ILE A 71 4.20 -4.27 7.42
N PRO A 72 4.19 -5.59 7.53
CA PRO A 72 5.37 -6.29 8.03
C PRO A 72 6.44 -6.41 6.96
N ASN A 73 7.69 -6.46 7.42
CA ASN A 73 8.83 -6.63 6.53
C ASN A 73 9.85 -7.50 7.26
N LYS A 74 9.92 -8.78 6.86
CA LYS A 74 10.75 -9.75 7.57
C LYS A 74 12.22 -9.55 7.24
N GLU A 75 12.53 -9.05 6.05
CA GLU A 75 13.92 -8.80 5.70
C GLU A 75 14.49 -7.65 6.53
N GLU A 76 13.69 -6.60 6.73
CA GLU A 76 14.11 -5.43 7.50
C GLU A 76 13.93 -5.64 9.00
N GLY A 77 13.09 -6.59 9.40
CA GLY A 77 12.75 -6.81 10.80
C GLY A 77 11.83 -5.75 11.38
N THR A 78 10.90 -5.23 10.58
CA THR A 78 10.09 -4.09 10.99
C THR A 78 8.62 -4.37 10.81
N LEU A 79 7.81 -3.78 11.70
CA LEU A 79 6.36 -3.74 11.57
C LEU A 79 5.95 -2.28 11.46
N THR A 80 5.28 -1.92 10.37
CA THR A 80 4.87 -0.54 10.11
C THR A 80 3.35 -0.44 10.18
N ILE A 81 2.86 0.49 10.98
CA ILE A 81 1.45 0.84 11.07
C ILE A 81 1.29 2.28 10.56
N ARG A 82 0.63 2.43 9.42
CA ARG A 82 0.38 3.74 8.84
C ARG A 82 -1.11 4.03 8.82
N ASP A 83 -1.48 5.26 9.14
CA ASP A 83 -2.85 5.71 9.00
C ASP A 83 -2.88 6.99 8.18
N THR A 84 -4.06 7.30 7.64
CA THR A 84 -4.28 8.57 6.95
C THR A 84 -5.09 9.53 7.81
N GLY A 85 -4.82 9.52 9.12
CA GLY A 85 -5.46 10.43 10.04
C GLY A 85 -4.96 11.86 9.87
N ILE A 86 -5.32 12.70 10.83
CA ILE A 86 -5.02 14.13 10.70
C ILE A 86 -3.53 14.43 10.76
N GLY A 87 -2.71 13.52 11.30
CA GLY A 87 -1.28 13.76 11.42
C GLY A 87 -0.95 14.71 12.56
N MET A 88 0.34 15.04 12.66
CA MET A 88 0.85 15.93 13.70
C MET A 88 1.70 17.03 13.08
N THR A 89 1.46 18.27 13.49
CA THR A 89 2.42 19.34 13.20
C THR A 89 3.65 19.15 14.10
N LYS A 90 4.70 19.93 13.81
CA LYS A 90 5.88 19.89 14.66
C LYS A 90 5.54 20.35 16.07
N ALA A 91 4.74 21.41 16.19
CA ALA A 91 4.22 21.83 17.50
C ALA A 91 3.54 20.67 18.22
N ASP A 92 2.73 19.89 17.50
CA ASP A 92 2.03 18.76 18.11
C ASP A 92 3.02 17.71 18.63
N LEU A 93 4.02 17.36 17.83
CA LEU A 93 5.00 16.36 18.26
C LEU A 93 5.84 16.90 19.41
N VAL A 94 6.25 18.17 19.34
CA VAL A 94 6.97 18.80 20.45
C VAL A 94 6.15 18.72 21.73
N ASN A 95 4.86 19.09 21.65
CA ASN A 95 3.99 19.02 22.83
C ASN A 95 3.92 17.61 23.39
N ASN A 96 3.86 16.61 22.51
CA ASN A 96 3.80 15.22 22.97
C ASN A 96 5.10 14.82 23.67
N LEU A 97 6.24 15.17 23.08
CA LEU A 97 7.53 14.78 23.64
C LEU A 97 7.82 15.49 24.97
N GLY A 98 7.39 16.73 25.10
CA GLY A 98 7.66 17.46 26.33
C GLY A 98 6.52 17.33 27.31
N THR A 99 5.46 18.12 27.09
CA THR A 99 4.43 18.29 28.10
C THR A 99 3.68 16.98 28.37
N ILE A 100 3.26 16.29 27.31
CA ILE A 100 2.40 15.12 27.52
C ILE A 100 3.19 13.96 28.11
N ALA A 101 4.42 13.76 27.64
CA ALA A 101 5.21 12.64 28.16
C ALA A 101 5.47 12.78 29.65
N LYS A 102 5.85 13.99 30.09
CA LYS A 102 6.11 14.21 31.51
C LYS A 102 4.85 14.01 32.35
N SER A 103 3.74 14.65 31.93
CA SER A 103 2.51 14.57 32.71
C SER A 103 1.94 13.15 32.72
N GLY A 104 1.93 12.48 31.57
CA GLY A 104 1.36 11.14 31.51
C GLY A 104 2.17 10.11 32.25
N THR A 105 3.50 10.23 32.21
CA THR A 105 4.34 9.37 33.04
C THR A 105 3.99 9.51 34.52
N LYS A 106 3.76 10.74 34.98
CA LYS A 106 3.37 10.95 36.38
C LYS A 106 2.07 10.25 36.67
N ALA A 107 1.07 10.42 35.81
CA ALA A 107 -0.24 9.81 36.05
C ALA A 107 -0.16 8.30 35.94
N PHE A 108 0.64 7.80 35.00
CA PHE A 108 0.76 6.36 34.80
C PHE A 108 1.28 5.67 36.06
N MET A 109 2.38 6.15 36.60
CA MET A 109 2.98 5.44 37.71
C MET A 109 2.38 5.80 39.06
N GLU A 110 1.62 6.90 39.16
CA GLU A 110 0.78 7.07 40.33
C GLU A 110 -0.35 6.04 40.32
N ALA A 111 -0.92 5.73 39.15
CA ALA A 111 -1.91 4.67 39.08
C ALA A 111 -1.29 3.30 39.33
N LEU A 112 -0.10 3.07 38.77
CA LEU A 112 0.71 1.91 39.17
C LEU A 112 0.80 1.77 40.68
N SER A 113 1.27 2.84 41.34
CA SER A 113 1.61 2.77 42.74
C SER A 113 0.37 2.70 43.65
N SER A 114 -0.77 3.19 43.18
CA SER A 114 -2.00 3.09 43.97
C SER A 114 -2.70 1.76 43.77
N GLY A 115 -2.10 0.84 43.03
CA GLY A 115 -2.79 -0.39 42.71
C GLY A 115 -4.00 -0.21 41.81
N ALA A 116 -4.11 0.93 41.14
CA ALA A 116 -5.21 1.11 40.21
C ALA A 116 -5.08 0.14 39.03
N ASP A 117 -6.14 0.04 38.25
CA ASP A 117 -6.16 -0.83 37.08
C ASP A 117 -5.50 -0.09 35.92
N ILE A 118 -4.34 -0.59 35.49
CA ILE A 118 -3.53 0.08 34.48
C ILE A 118 -3.58 -0.64 33.13
N SER A 119 -4.59 -1.51 32.91
CA SER A 119 -4.61 -2.32 31.70
C SER A 119 -4.75 -1.48 30.44
N MET A 120 -5.51 -0.38 30.51
CA MET A 120 -5.67 0.53 29.38
C MET A 120 -4.64 1.64 29.52
N ILE A 121 -3.44 1.40 28.96
CA ILE A 121 -2.32 2.30 29.19
C ILE A 121 -2.49 3.63 28.46
N GLY A 122 -3.15 3.62 27.28
CA GLY A 122 -3.35 4.87 26.57
C GLY A 122 -4.13 5.91 27.35
N GLN A 123 -4.92 5.46 28.32
CA GLN A 123 -5.63 6.31 29.28
C GLN A 123 -4.74 7.39 29.91
N PHE A 124 -3.46 7.09 30.09
CA PHE A 124 -2.53 8.02 30.73
C PHE A 124 -1.74 8.82 29.71
N GLY A 125 -2.07 8.73 28.42
CA GLY A 125 -1.41 9.50 27.40
C GLY A 125 -0.05 9.00 26.97
N VAL A 126 0.42 7.88 27.53
CA VAL A 126 1.73 7.35 27.14
C VAL A 126 1.59 6.04 26.38
N GLY A 127 0.47 5.87 25.67
CA GLY A 127 0.26 4.65 24.91
C GLY A 127 1.30 4.43 23.83
N PHE A 128 1.91 5.51 23.33
CA PHE A 128 2.96 5.39 22.34
C PHE A 128 4.06 4.43 22.80
N TYR A 129 4.47 4.55 24.07
CA TYR A 129 5.59 3.77 24.61
C TYR A 129 5.26 2.30 24.80
N SER A 130 3.99 1.90 24.66
CA SER A 130 3.70 0.48 24.63
C SER A 130 4.35 -0.21 23.42
N SER A 131 4.78 0.57 22.43
CA SER A 131 5.60 0.00 21.35
C SER A 131 6.83 -0.73 21.88
N TYR A 132 7.37 -0.28 23.02
CA TYR A 132 8.58 -0.85 23.61
C TYR A 132 8.39 -2.28 24.11
N LEU A 133 7.14 -2.76 24.16
CA LEU A 133 6.92 -4.18 24.48
C LEU A 133 7.55 -5.08 23.44
N VAL A 134 7.53 -4.68 22.17
CA VAL A 134 8.01 -5.52 21.08
C VAL A 134 9.13 -4.89 20.27
N ALA A 135 9.38 -3.59 20.42
CA ALA A 135 10.31 -2.87 19.56
C ALA A 135 11.46 -2.30 20.37
N GLU A 136 12.67 -2.37 19.79
CA GLU A 136 13.82 -1.72 20.38
C GLU A 136 14.03 -0.30 19.86
N LYS A 137 13.40 0.07 18.74
CA LYS A 137 13.35 1.46 18.33
C LYS A 137 12.16 1.66 17.43
N VAL A 138 11.63 2.88 17.43
CA VAL A 138 10.49 3.28 16.61
C VAL A 138 10.88 4.54 15.84
N GLN A 139 10.51 4.57 14.55
CA GLN A 139 10.66 5.76 13.72
C GLN A 139 9.28 6.30 13.40
N VAL A 140 9.00 7.52 13.85
CA VAL A 140 7.71 8.18 13.65
C VAL A 140 7.84 9.11 12.45
N THR A 141 7.01 8.89 11.43
CA THR A 141 6.84 9.83 10.33
C THR A 141 5.43 10.39 10.42
N THR A 142 5.28 11.70 10.22
CA THR A 142 3.97 12.31 10.35
C THR A 142 3.86 13.52 9.43
N LYS A 143 2.65 13.76 8.94
CA LYS A 143 2.36 14.85 8.00
C LYS A 143 0.97 15.41 8.28
N HIS A 144 0.91 16.69 8.61
CA HIS A 144 -0.31 17.41 8.90
C HIS A 144 -0.50 18.45 7.81
N ASN A 145 -1.75 18.71 7.41
CA ASN A 145 -2.01 19.61 6.29
C ASN A 145 -1.36 20.98 6.48
N ASP A 146 -1.08 21.39 7.72
CA ASP A 146 -0.58 22.73 7.98
C ASP A 146 0.92 22.79 8.20
N ASP A 147 1.63 21.69 8.00
CA ASP A 147 3.06 21.67 8.26
C ASP A 147 3.72 20.75 7.23
N GLU A 148 5.04 20.62 7.35
CA GLU A 148 5.77 19.71 6.48
C GLU A 148 5.79 18.31 7.10
N GLN A 149 6.35 17.37 6.36
CA GLN A 149 6.52 16.01 6.85
C GLN A 149 7.75 15.92 7.74
N TYR A 150 7.60 15.34 8.94
CA TYR A 150 8.68 15.24 9.90
C TYR A 150 8.93 13.78 10.27
N ILE A 151 10.14 13.52 10.74
CA ILE A 151 10.51 12.20 11.23
C ILE A 151 11.20 12.36 12.59
N TRP A 152 10.92 11.43 13.50
CA TRP A 152 11.51 11.42 14.83
C TRP A 152 11.74 9.98 15.25
N GLU A 153 12.91 9.70 15.80
CA GLU A 153 13.30 8.36 16.19
C GLU A 153 13.22 8.24 17.72
N SER A 154 12.73 7.10 18.19
CA SER A 154 12.61 6.88 19.63
C SER A 154 13.24 5.55 20.02
N ALA A 155 14.01 5.58 21.10
CA ALA A 155 14.54 4.37 21.71
C ALA A 155 14.75 4.65 23.20
N ALA A 156 14.71 3.58 23.99
CA ALA A 156 14.90 3.72 25.44
C ALA A 156 16.23 4.41 25.75
N GLY A 157 16.15 5.62 26.28
CA GLY A 157 17.34 6.42 26.55
C GLY A 157 17.71 7.38 25.45
N GLY A 158 16.97 7.41 24.35
CA GLY A 158 17.36 8.24 23.23
C GLY A 158 16.99 9.69 23.40
N THR A 159 17.75 10.54 22.73
CA THR A 159 17.48 11.98 22.61
C THR A 159 17.61 12.41 21.16
N PHE A 160 16.87 11.76 20.27
CA PHE A 160 16.87 12.14 18.86
C PHE A 160 16.05 13.41 18.64
N THR A 161 16.43 14.17 17.62
CA THR A 161 15.78 15.42 17.27
C THR A 161 14.69 15.20 16.24
N ILE A 162 13.64 16.04 16.29
CA ILE A 162 12.63 16.07 15.24
C ILE A 162 13.22 16.71 13.99
N THR A 163 13.10 16.02 12.86
CA THR A 163 13.75 16.46 11.64
C THR A 163 12.77 16.48 10.48
N GLU A 164 12.90 17.48 9.62
CA GLU A 164 12.12 17.51 8.38
C GLU A 164 12.51 16.33 7.50
N ASP A 165 11.51 15.52 7.14
CA ASP A 165 11.74 14.30 6.36
C ASP A 165 11.75 14.67 4.88
N THR A 166 12.95 14.89 4.32
CA THR A 166 13.11 15.18 2.91
C THR A 166 13.67 13.99 2.13
N GLU A 167 13.64 12.80 2.72
CA GLU A 167 14.15 11.61 2.05
C GLU A 167 13.18 10.45 2.03
N GLY A 168 12.24 10.38 2.96
CA GLY A 168 11.30 9.27 3.00
C GLY A 168 10.18 9.44 2.01
N PRO A 169 9.40 8.38 1.85
CA PRO A 169 8.24 8.45 0.96
C PRO A 169 7.17 9.37 1.54
N ARG A 170 6.48 10.10 0.66
CA ARG A 170 5.45 11.03 1.08
C ARG A 170 4.27 10.29 1.70
N LEU A 171 3.80 10.78 2.85
CA LEU A 171 2.60 10.21 3.44
C LEU A 171 1.32 10.79 2.85
N GLY A 172 1.39 11.95 2.21
CA GLY A 172 0.18 12.69 1.88
C GLY A 172 -0.37 13.35 3.13
N ARG A 173 -0.87 12.53 4.06
CA ARG A 173 -1.35 13.01 5.35
C ARG A 173 -1.37 11.83 6.31
N GLY A 174 -1.08 12.10 7.59
CA GLY A 174 -1.24 11.10 8.63
C GLY A 174 0.09 10.79 9.31
N THR A 175 0.17 9.57 9.85
CA THR A 175 1.27 9.14 10.71
C THR A 175 1.63 7.70 10.40
N SER A 176 2.92 7.41 10.33
CA SER A 176 3.43 6.08 10.05
C SER A 176 4.42 5.69 11.16
N MET A 177 4.12 4.60 11.86
CA MET A 177 4.95 4.11 12.96
C MET A 177 5.69 2.85 12.53
N LYS A 178 6.99 2.98 12.31
CA LYS A 178 7.84 1.85 11.91
C LYS A 178 8.54 1.31 13.16
N LEU A 179 8.17 0.09 13.56
CA LEU A 179 8.70 -0.55 14.76
C LEU A 179 9.81 -1.53 14.36
N PHE A 180 10.99 -1.35 14.93
CA PHE A 180 12.08 -2.31 14.73
C PHE A 180 11.97 -3.39 15.80
N ILE A 181 11.56 -4.60 15.38
CA ILE A 181 11.14 -5.65 16.30
C ILE A 181 12.35 -6.30 16.97
N LYS A 182 12.21 -6.60 18.27
CA LYS A 182 13.30 -7.23 19.02
C LYS A 182 13.60 -8.62 18.49
N GLU A 183 14.85 -9.05 18.69
CA GLU A 183 15.38 -10.29 18.10
C GLU A 183 14.50 -11.50 18.39
N ASP A 184 14.09 -11.67 19.65
N ASP A 184 14.09 -11.67 19.65
CA ASP A 184 13.36 -12.88 20.04
CA ASP A 184 13.36 -12.87 20.07
C ASP A 184 11.85 -12.74 19.88
C ASP A 184 11.86 -12.78 19.83
N LEU A 185 11.37 -11.68 19.26
CA LEU A 185 9.94 -11.45 19.09
C LEU A 185 9.53 -11.33 17.63
N LYS A 186 10.26 -12.00 16.73
CA LYS A 186 9.90 -11.88 15.32
C LYS A 186 8.54 -12.50 15.02
N GLU A 187 7.91 -13.16 16.00
CA GLU A 187 6.59 -13.76 15.78
C GLU A 187 5.55 -12.70 15.41
N TYR A 188 5.80 -11.45 15.77
CA TYR A 188 4.87 -10.36 15.50
C TYR A 188 5.00 -9.81 14.09
N LEU A 189 5.85 -10.42 13.27
CA LEU A 189 5.91 -10.11 11.86
C LEU A 189 5.16 -11.13 11.00
N GLU A 190 4.62 -12.19 11.61
CA GLU A 190 3.97 -13.26 10.87
C GLU A 190 2.51 -12.94 10.64
N GLU A 191 2.04 -13.20 9.42
CA GLU A 191 0.69 -12.82 8.99
C GLU A 191 -0.39 -13.34 9.95
N LYS A 192 -0.36 -14.64 10.25
CA LYS A 192 -1.45 -15.22 11.01
C LYS A 192 -1.47 -14.64 12.42
N ARG A 193 -0.29 -14.38 12.99
CA ARG A 193 -0.23 -13.81 14.33
C ARG A 193 -0.79 -12.38 14.32
N ILE A 194 -0.43 -11.58 13.32
CA ILE A 194 -0.94 -10.20 13.24
C ILE A 194 -2.46 -10.21 13.10
N ARG A 195 -3.00 -11.10 12.27
CA ARG A 195 -4.44 -11.10 12.02
C ARG A 195 -5.20 -11.52 13.28
N GLU A 196 -4.68 -12.50 14.01
CA GLU A 196 -5.26 -12.89 15.28
C GLU A 196 -5.36 -11.70 16.24
N ILE A 197 -4.27 -10.92 16.33
CA ILE A 197 -4.22 -9.85 17.33
C ILE A 197 -5.22 -8.76 17.00
N VAL A 198 -5.38 -8.44 15.72
CA VAL A 198 -6.32 -7.38 15.33
C VAL A 198 -7.75 -7.80 15.58
N LYS A 199 -8.07 -9.06 15.27
CA LYS A 199 -9.43 -9.56 15.49
C LYS A 199 -9.79 -9.53 16.97
N LYS A 200 -8.82 -9.84 17.83
CA LYS A 200 -9.08 -9.95 19.25
C LYS A 200 -9.25 -8.59 19.91
N HIS A 201 -8.40 -7.61 19.56
CA HIS A 201 -8.31 -6.36 20.30
C HIS A 201 -8.87 -5.17 19.55
N SER A 202 -9.39 -5.35 18.34
CA SER A 202 -9.78 -4.17 17.57
C SER A 202 -11.08 -4.39 16.81
N GLU A 203 -12.01 -5.15 17.37
CA GLU A 203 -13.32 -5.30 16.76
C GLU A 203 -14.07 -3.97 16.71
N PHE A 204 -13.89 -3.12 17.72
CA PHE A 204 -14.65 -1.88 17.83
C PHE A 204 -14.33 -0.85 16.74
N ILE A 205 -13.24 -1.02 15.99
CA ILE A 205 -12.74 0.02 15.10
C ILE A 205 -13.61 0.13 13.86
N SER A 206 -13.97 1.36 13.51
CA SER A 206 -14.92 1.63 12.43
C SER A 206 -14.25 2.18 11.17
N TYR A 207 -12.94 2.01 11.03
CA TYR A 207 -12.21 2.29 9.80
C TYR A 207 -11.63 1.00 9.23
N PRO A 208 -11.40 0.93 7.91
CA PRO A 208 -10.77 -0.28 7.36
C PRO A 208 -9.37 -0.50 7.93
N ILE A 209 -9.11 -1.73 8.35
CA ILE A 209 -7.78 -2.14 8.78
C ILE A 209 -7.24 -3.07 7.72
N GLN A 210 -6.14 -2.68 7.09
CA GLN A 210 -5.55 -3.44 5.99
C GLN A 210 -4.25 -4.06 6.44
N LEU A 211 -3.95 -5.23 5.88
CA LEU A 211 -2.67 -5.90 6.09
C LEU A 211 -2.05 -6.22 4.74
N VAL A 212 -0.77 -5.89 4.59
CA VAL A 212 -0.03 -6.18 3.36
C VAL A 212 0.61 -7.55 3.53
N VAL A 213 0.15 -8.53 2.75
CA VAL A 213 0.76 -9.85 2.78
C VAL A 213 1.64 -9.96 1.55
N THR A 214 2.73 -10.71 1.67
CA THR A 214 3.66 -10.90 0.56
C THR A 214 3.83 -12.39 0.29
N LYS A 215 3.88 -12.74 -0.98
CA LYS A 215 4.09 -14.13 -1.36
C LYS A 215 5.51 -14.54 -1.03
N GLU A 216 5.66 -15.74 -0.49
CA GLU A 216 6.97 -16.30 -0.13
C GLU A 216 7.44 -17.24 -1.23
N THR A 217 8.75 -17.52 -1.22
CA THR A 217 9.34 -18.38 -2.25
C THR A 217 9.70 -19.76 -1.70
N GLU A 218 9.08 -20.79 -2.28
CA GLU A 218 9.35 -22.17 -1.88
N GLU B 8 -4.41 10.22 -32.40
CA GLU B 8 -4.98 10.17 -31.03
C GLU B 8 -5.51 8.75 -30.78
N THR B 9 -5.42 7.87 -31.78
CA THR B 9 -5.88 6.45 -31.67
C THR B 9 -7.40 6.36 -31.74
N PHE B 10 -8.08 7.47 -32.01
CA PHE B 10 -9.56 7.47 -32.00
C PHE B 10 -10.11 6.51 -33.05
N GLY B 11 -9.51 6.50 -34.24
CA GLY B 11 -10.03 5.66 -35.34
C GLY B 11 -10.00 4.17 -35.06
N PHE B 12 -8.94 3.65 -34.43
CA PHE B 12 -8.83 2.18 -34.28
C PHE B 12 -9.10 1.69 -32.87
N GLN B 13 -9.04 2.58 -31.87
CA GLN B 13 -9.19 2.14 -30.46
C GLN B 13 -10.45 1.29 -30.27
N ALA B 14 -11.61 1.83 -30.67
CA ALA B 14 -12.88 1.10 -30.42
C ALA B 14 -12.88 -0.22 -31.16
N GLU B 15 -12.33 -0.24 -32.37
CA GLU B 15 -12.44 -1.45 -33.16
C GLU B 15 -11.47 -2.53 -32.67
N ILE B 16 -10.24 -2.13 -32.31
CA ILE B 16 -9.28 -3.12 -31.84
C ILE B 16 -9.66 -3.66 -30.47
N SER B 17 -10.21 -2.81 -29.60
CA SER B 17 -10.65 -3.29 -28.29
C SER B 17 -11.82 -4.24 -28.43
N GLN B 18 -12.77 -3.92 -29.30
CA GLN B 18 -13.88 -4.83 -29.56
C GLN B 18 -13.37 -6.15 -30.14
N LEU B 19 -12.45 -6.07 -31.10
CA LEU B 19 -11.93 -7.26 -31.75
C LEU B 19 -11.23 -8.18 -30.75
N LEU B 20 -10.34 -7.61 -29.93
CA LEU B 20 -9.61 -8.44 -28.98
C LEU B 20 -10.54 -8.98 -27.89
N ASP B 21 -11.58 -8.22 -27.56
CA ASP B 21 -12.60 -8.70 -26.63
C ASP B 21 -13.20 -10.01 -27.11
N LEU B 22 -13.61 -10.05 -28.38
CA LEU B 22 -14.22 -11.26 -28.92
C LEU B 22 -13.23 -12.40 -29.01
N ILE B 23 -12.01 -12.12 -29.46
CA ILE B 23 -11.02 -13.19 -29.62
C ILE B 23 -10.68 -13.80 -28.27
N ILE B 24 -10.28 -12.96 -27.32
CA ILE B 24 -9.75 -13.46 -26.06
C ILE B 24 -10.82 -14.20 -25.27
N ASN B 25 -12.03 -13.63 -25.21
CA ASN B 25 -13.10 -14.27 -24.44
C ASN B 25 -13.61 -15.54 -25.11
N THR B 26 -13.46 -15.66 -26.43
CA THR B 26 -13.90 -16.86 -27.12
C THR B 26 -12.91 -18.01 -26.96
N PHE B 27 -11.62 -17.71 -26.98
CA PHE B 27 -10.62 -18.75 -27.02
C PHE B 27 -10.02 -19.09 -25.66
N TYR B 28 -10.23 -18.26 -24.65
CA TYR B 28 -9.69 -18.51 -23.31
C TYR B 28 -10.86 -18.63 -22.32
N SER B 29 -11.25 -19.86 -22.03
CA SER B 29 -12.36 -20.11 -21.13
C SER B 29 -11.93 -20.01 -19.66
N ASN B 30 -10.66 -20.26 -19.35
CA ASN B 30 -10.17 -20.09 -17.99
C ASN B 30 -9.84 -18.62 -17.76
N LYS B 31 -10.78 -17.88 -17.19
CA LYS B 31 -10.65 -16.43 -17.07
C LYS B 31 -9.58 -16.01 -16.05
N GLU B 32 -9.09 -16.94 -15.23
CA GLU B 32 -8.15 -16.56 -14.18
C GLU B 32 -6.78 -16.14 -14.71
N ILE B 33 -6.46 -16.45 -15.98
CA ILE B 33 -5.13 -16.14 -16.51
C ILE B 33 -4.91 -14.65 -16.72
N PHE B 34 -5.95 -13.83 -16.57
CA PHE B 34 -5.75 -12.39 -16.65
C PHE B 34 -4.68 -11.93 -15.65
N LEU B 35 -4.67 -12.54 -14.45
CA LEU B 35 -3.72 -12.09 -13.42
C LEU B 35 -2.29 -12.44 -13.80
N ARG B 36 -2.09 -13.63 -14.38
CA ARG B 36 -0.76 -14.02 -14.83
C ARG B 36 -0.22 -13.04 -15.87
N GLU B 37 -1.09 -12.58 -16.79
CA GLU B 37 -0.66 -11.68 -17.85
C GLU B 37 -0.32 -10.29 -17.31
N LEU B 38 -1.16 -9.78 -16.40
CA LEU B 38 -0.87 -8.47 -15.83
C LEU B 38 0.39 -8.51 -14.98
N ILE B 39 0.57 -9.57 -14.18
CA ILE B 39 1.78 -9.65 -13.35
C ILE B 39 3.01 -9.75 -14.24
N SER B 40 2.92 -10.54 -15.31
CA SER B 40 4.02 -10.64 -16.27
C SER B 40 4.35 -9.29 -16.88
N ASN B 41 3.32 -8.54 -17.31
CA ASN B 41 3.54 -7.19 -17.80
C ASN B 41 4.31 -6.36 -16.78
N SER B 42 3.89 -6.43 -15.53
CA SER B 42 4.52 -5.64 -14.47
C SER B 42 5.97 -6.05 -14.25
N SER B 43 6.22 -7.37 -14.25
CA SER B 43 7.60 -7.84 -14.03
C SER B 43 8.52 -7.37 -15.15
N ASP B 44 8.01 -7.31 -16.39
CA ASP B 44 8.81 -6.77 -17.49
C ASP B 44 9.09 -5.28 -17.30
N ALA B 45 8.11 -4.52 -16.84
CA ALA B 45 8.35 -3.10 -16.60
C ALA B 45 9.32 -2.89 -15.44
N LEU B 46 9.27 -3.76 -14.43
CA LEU B 46 10.21 -3.65 -13.32
C LEU B 46 11.62 -3.99 -13.78
N ASP B 47 11.76 -5.03 -14.62
CA ASP B 47 13.06 -5.33 -15.20
C ASP B 47 13.63 -4.10 -15.91
N LYS B 48 12.78 -3.35 -16.62
CA LYS B 48 13.28 -2.26 -17.44
C LYS B 48 13.82 -1.13 -16.59
N ILE B 49 13.16 -0.81 -15.47
CA ILE B 49 13.64 0.29 -14.65
C ILE B 49 14.89 -0.15 -13.89
N ARG B 50 14.96 -1.42 -13.50
CA ARG B 50 16.15 -1.93 -12.82
C ARG B 50 17.35 -1.92 -13.75
N TYR B 51 17.13 -2.25 -15.03
CA TYR B 51 18.21 -2.17 -16.01
C TYR B 51 18.69 -0.73 -16.19
N ALA B 52 17.75 0.20 -16.32
CA ALA B 52 18.12 1.61 -16.50
C ALA B 52 18.88 2.15 -15.31
N ALA B 53 18.56 1.67 -14.09
CA ALA B 53 19.20 2.20 -12.88
C ALA B 53 20.62 1.69 -12.70
N LEU B 54 20.99 0.61 -13.38
CA LEU B 54 22.37 0.13 -13.35
C LEU B 54 23.34 1.22 -13.77
N THR B 55 22.98 2.01 -14.78
CA THR B 55 23.86 3.06 -15.27
C THR B 55 23.41 4.47 -14.91
N ASP B 56 22.16 4.67 -14.54
CA ASP B 56 21.68 5.95 -14.04
C ASP B 56 20.89 5.70 -12.76
N PRO B 57 21.56 5.75 -11.61
CA PRO B 57 20.88 5.42 -10.35
C PRO B 57 19.78 6.41 -9.97
N SER B 58 19.88 7.66 -10.40
CA SER B 58 18.84 8.63 -10.07
C SER B 58 17.49 8.29 -10.71
N GLN B 59 17.45 7.31 -11.62
CA GLN B 59 16.18 6.86 -12.19
C GLN B 59 15.24 6.31 -11.12
N LEU B 60 15.77 5.94 -9.96
CA LEU B 60 14.95 5.39 -8.89
C LEU B 60 14.53 6.45 -7.88
N ASP B 61 14.95 7.70 -8.07
CA ASP B 61 14.65 8.75 -7.10
C ASP B 61 13.15 8.97 -6.96
N SER B 62 12.39 8.67 -8.01
CA SER B 62 10.95 8.83 -7.96
C SER B 62 10.26 7.72 -7.16
N GLU B 63 10.95 6.59 -6.97
CA GLU B 63 10.40 5.46 -6.23
C GLU B 63 11.47 4.36 -6.11
N LYS B 64 11.96 4.14 -4.89
CA LYS B 64 13.10 3.25 -4.67
C LYS B 64 12.71 1.79 -4.48
N ASP B 65 11.46 1.51 -4.13
CA ASP B 65 11.01 0.14 -3.92
C ASP B 65 10.43 -0.41 -5.21
N LEU B 66 10.86 -1.61 -5.60
CA LEU B 66 10.39 -2.30 -6.80
C LEU B 66 9.46 -3.43 -6.37
N TYR B 67 8.18 -3.32 -6.68
CA TYR B 67 7.20 -4.30 -6.20
C TYR B 67 5.97 -4.32 -7.09
N ILE B 68 5.16 -5.37 -6.90
CA ILE B 68 3.86 -5.55 -7.53
C ILE B 68 2.84 -5.67 -6.42
N ARG B 69 1.79 -4.85 -6.45
CA ARG B 69 0.78 -4.86 -5.39
C ARG B 69 -0.63 -4.97 -5.96
N ILE B 70 -1.45 -5.78 -5.29
CA ILE B 70 -2.81 -6.13 -5.71
C ILE B 70 -3.77 -5.65 -4.62
N ILE B 71 -4.70 -4.77 -4.97
CA ILE B 71 -5.64 -4.19 -4.01
C ILE B 71 -7.06 -4.47 -4.48
N PRO B 72 -7.75 -5.42 -3.85
CA PRO B 72 -9.19 -5.58 -4.15
C PRO B 72 -10.05 -4.66 -3.31
N ASN B 73 -11.15 -4.20 -3.92
CA ASN B 73 -12.11 -3.31 -3.25
C ASN B 73 -13.52 -3.80 -3.59
N LYS B 74 -14.13 -4.53 -2.66
CA LYS B 74 -15.45 -5.10 -2.92
C LYS B 74 -16.52 -4.02 -2.96
N GLU B 75 -16.42 -3.01 -2.10
CA GLU B 75 -17.40 -1.92 -2.12
C GLU B 75 -17.46 -1.27 -3.50
N GLU B 76 -16.29 -1.00 -4.10
CA GLU B 76 -16.22 -0.39 -5.41
C GLU B 76 -16.33 -1.41 -6.54
N GLY B 77 -16.09 -2.69 -6.28
CA GLY B 77 -16.12 -3.69 -7.32
C GLY B 77 -14.92 -3.67 -8.24
N THR B 78 -13.76 -3.29 -7.72
CA THR B 78 -12.56 -3.09 -8.53
C THR B 78 -11.42 -3.95 -8.00
N LEU B 79 -10.53 -4.32 -8.91
CA LEU B 79 -9.28 -5.00 -8.58
C LEU B 79 -8.14 -4.19 -9.20
N THR B 80 -7.23 -3.71 -8.36
CA THR B 80 -6.15 -2.85 -8.79
C THR B 80 -4.82 -3.58 -8.71
N ILE B 81 -4.09 -3.63 -9.81
CA ILE B 81 -2.72 -4.15 -9.84
C ILE B 81 -1.80 -2.98 -10.13
N ARG B 82 -0.93 -2.66 -9.19
CA ARG B 82 0.03 -1.58 -9.33
C ARG B 82 1.45 -2.12 -9.26
N ASP B 83 2.34 -1.54 -10.07
CA ASP B 83 3.76 -1.82 -9.97
C ASP B 83 4.53 -0.51 -10.01
N THR B 84 5.79 -0.58 -9.58
CA THR B 84 6.69 0.56 -9.62
C THR B 84 7.75 0.35 -10.71
N GLY B 85 7.31 -0.14 -11.86
CA GLY B 85 8.16 -0.30 -13.01
C GLY B 85 8.43 1.02 -13.71
N ILE B 86 8.98 0.91 -14.93
CA ILE B 86 9.43 2.11 -15.62
C ILE B 86 8.26 3.00 -16.03
N GLY B 87 7.04 2.47 -16.08
CA GLY B 87 5.90 3.28 -16.48
C GLY B 87 5.97 3.63 -17.95
N MET B 88 5.02 4.45 -18.40
CA MET B 88 4.89 4.74 -19.82
C MET B 88 4.68 6.23 -20.05
N THR B 89 5.43 6.77 -21.00
CA THR B 89 5.17 8.11 -21.49
C THR B 89 3.89 8.12 -22.32
N LYS B 90 3.43 9.32 -22.68
CA LYS B 90 2.24 9.40 -23.50
C LYS B 90 2.49 8.82 -24.89
N ALA B 91 3.71 9.00 -25.42
CA ALA B 91 4.06 8.41 -26.70
C ALA B 91 4.12 6.89 -26.60
N ASP B 92 4.58 6.35 -25.47
CA ASP B 92 4.59 4.91 -25.27
C ASP B 92 3.18 4.34 -25.33
N LEU B 93 2.20 5.02 -24.73
CA LEU B 93 0.80 4.54 -24.71
C LEU B 93 0.21 4.52 -26.13
N VAL B 94 0.41 5.59 -26.89
CA VAL B 94 -0.14 5.70 -28.27
C VAL B 94 0.55 4.67 -29.17
N ASN B 95 1.88 4.63 -29.11
CA ASN B 95 2.62 3.72 -30.01
C ASN B 95 2.28 2.28 -29.64
N ASN B 96 1.99 2.01 -28.37
CA ASN B 96 1.77 0.63 -27.95
C ASN B 96 0.37 0.14 -28.31
N LEU B 97 -0.62 1.03 -28.41
CA LEU B 97 -1.87 0.65 -29.05
C LEU B 97 -1.70 0.56 -30.57
N GLY B 98 -0.83 1.40 -31.13
CA GLY B 98 -0.59 1.38 -32.57
C GLY B 98 0.04 0.08 -33.05
N THR B 99 1.02 -0.45 -32.30
CA THR B 99 1.61 -1.72 -32.69
C THR B 99 0.66 -2.89 -32.47
N ILE B 100 -0.11 -2.86 -31.38
CA ILE B 100 -1.13 -3.89 -31.16
C ILE B 100 -2.07 -3.98 -32.36
N ALA B 101 -2.46 -2.82 -32.91
CA ALA B 101 -3.39 -2.82 -34.03
C ALA B 101 -2.73 -3.16 -35.35
N LYS B 102 -1.44 -2.86 -35.51
CA LYS B 102 -0.76 -3.11 -36.78
C LYS B 102 -0.22 -4.54 -36.85
N SER B 103 0.31 -5.07 -35.75
CA SER B 103 1.04 -6.33 -35.77
C SER B 103 0.59 -7.32 -34.71
N GLY B 104 0.36 -6.86 -33.49
CA GLY B 104 0.16 -7.79 -32.37
C GLY B 104 -1.08 -8.65 -32.54
N THR B 105 -2.20 -8.03 -32.91
CA THR B 105 -3.43 -8.78 -33.10
C THR B 105 -3.30 -9.77 -34.25
N LYS B 106 -2.69 -9.32 -35.35
CA LYS B 106 -2.48 -10.22 -36.50
C LYS B 106 -1.67 -11.44 -36.09
N ALA B 107 -0.53 -11.23 -35.44
CA ALA B 107 0.33 -12.33 -35.01
C ALA B 107 -0.41 -13.26 -34.04
N PHE B 108 -1.09 -12.69 -33.05
CA PHE B 108 -1.91 -13.47 -32.12
C PHE B 108 -2.90 -14.36 -32.87
N MET B 109 -3.65 -13.77 -33.79
CA MET B 109 -4.67 -14.50 -34.51
C MET B 109 -4.08 -15.58 -35.40
N GLU B 110 -2.89 -15.33 -35.96
CA GLU B 110 -2.20 -16.33 -36.74
C GLU B 110 -1.80 -17.52 -35.87
N ALA B 111 -1.21 -17.26 -34.71
CA ALA B 111 -0.88 -18.33 -33.78
C ALA B 111 -2.13 -19.12 -33.41
N LEU B 112 -3.22 -18.42 -33.07
CA LEU B 112 -4.47 -19.10 -32.76
C LEU B 112 -4.91 -19.99 -33.91
N SER B 113 -4.86 -19.46 -35.13
CA SER B 113 -5.32 -20.20 -36.30
C SER B 113 -4.38 -21.34 -36.63
N SER B 114 -3.07 -21.09 -36.58
CA SER B 114 -2.10 -22.13 -36.90
C SER B 114 -1.95 -23.16 -35.78
N GLY B 115 -2.55 -22.91 -34.61
CA GLY B 115 -2.45 -23.85 -33.52
C GLY B 115 -1.08 -23.89 -32.85
N ALA B 116 -0.29 -22.83 -33.01
CA ALA B 116 1.01 -22.77 -32.37
C ALA B 116 0.86 -22.67 -30.86
N ASP B 117 1.89 -23.11 -30.14
CA ASP B 117 1.87 -23.06 -28.68
C ASP B 117 1.86 -21.62 -28.19
N ILE B 118 0.94 -21.29 -27.28
CA ILE B 118 0.81 -19.94 -26.73
C ILE B 118 0.92 -20.04 -25.22
N SER B 119 2.10 -19.70 -24.70
CA SER B 119 2.35 -19.76 -23.26
C SER B 119 1.87 -18.50 -22.53
N MET B 120 1.88 -17.37 -23.22
CA MET B 120 1.52 -16.09 -22.61
C MET B 120 0.91 -15.23 -23.72
N ILE B 121 -0.33 -14.79 -23.53
CA ILE B 121 -0.95 -13.90 -24.52
C ILE B 121 -0.06 -12.70 -24.76
N GLY B 122 0.72 -12.30 -23.75
CA GLY B 122 1.57 -11.12 -23.85
C GLY B 122 2.72 -11.25 -24.82
N GLN B 123 3.03 -12.45 -25.31
CA GLN B 123 4.10 -12.57 -26.28
C GLN B 123 3.76 -11.87 -27.59
N PHE B 124 2.50 -11.51 -27.80
CA PHE B 124 2.08 -10.74 -28.96
C PHE B 124 1.87 -9.27 -28.64
N GLY B 125 2.18 -8.85 -27.42
CA GLY B 125 2.00 -7.47 -27.03
C GLY B 125 0.59 -7.09 -26.64
N VAL B 126 -0.35 -8.04 -26.67
CA VAL B 126 -1.76 -7.75 -26.43
C VAL B 126 -2.17 -8.15 -25.00
N GLY B 127 -1.20 -8.31 -24.09
CA GLY B 127 -1.49 -8.86 -22.78
C GLY B 127 -2.43 -8.00 -21.94
N PHE B 128 -2.38 -6.68 -22.14
CA PHE B 128 -3.30 -5.79 -21.43
C PHE B 128 -4.74 -6.24 -21.59
N TYR B 129 -5.10 -6.75 -22.77
CA TYR B 129 -6.49 -7.00 -23.12
C TYR B 129 -7.02 -8.30 -22.51
N SER B 130 -6.16 -9.13 -21.93
CA SER B 130 -6.68 -10.21 -21.08
C SER B 130 -7.46 -9.67 -19.89
N SER B 131 -7.31 -8.39 -19.54
CA SER B 131 -8.19 -7.77 -18.54
C SER B 131 -9.65 -8.02 -18.85
N TYR B 132 -10.01 -8.03 -20.13
CA TYR B 132 -11.38 -8.16 -20.58
C TYR B 132 -11.97 -9.52 -20.23
N LEU B 133 -11.15 -10.47 -19.80
CA LEU B 133 -11.68 -11.74 -19.36
C LEU B 133 -12.53 -11.58 -18.10
N VAL B 134 -12.16 -10.65 -17.23
CA VAL B 134 -12.88 -10.45 -15.97
C VAL B 134 -13.43 -9.04 -15.80
N ALA B 135 -13.01 -8.07 -16.60
CA ALA B 135 -13.37 -6.68 -16.40
C ALA B 135 -14.27 -6.17 -17.52
N GLU B 136 -15.27 -5.38 -17.15
CA GLU B 136 -16.11 -4.69 -18.12
C GLU B 136 -15.47 -3.40 -18.59
N LYS B 137 -14.50 -2.89 -17.83
CA LYS B 137 -13.91 -1.58 -18.01
C LYS B 137 -12.61 -1.57 -17.23
N VAL B 138 -11.61 -0.86 -17.75
CA VAL B 138 -10.32 -0.72 -17.14
C VAL B 138 -9.91 0.74 -17.19
N GLN B 139 -9.33 1.24 -16.10
CA GLN B 139 -8.70 2.54 -16.06
C GLN B 139 -7.20 2.34 -15.86
N VAL B 140 -6.40 2.93 -16.74
CA VAL B 140 -4.95 2.82 -16.68
C VAL B 140 -4.40 4.15 -16.20
N THR B 141 -3.54 4.09 -15.19
CA THR B 141 -2.77 5.25 -14.75
C THR B 141 -1.30 4.88 -14.87
N THR B 142 -0.48 5.82 -15.36
CA THR B 142 0.93 5.52 -15.58
C THR B 142 1.74 6.79 -15.45
N LYS B 143 2.96 6.64 -14.94
CA LYS B 143 3.88 7.75 -14.74
C LYS B 143 5.29 7.29 -15.07
N HIS B 144 5.93 7.98 -16.00
CA HIS B 144 7.28 7.69 -16.44
C HIS B 144 8.16 8.89 -16.13
N ASN B 145 9.41 8.63 -15.74
CA ASN B 145 10.31 9.68 -15.29
C ASN B 145 10.39 10.84 -16.28
N ASP B 146 10.24 10.56 -17.58
CA ASP B 146 10.42 11.58 -18.60
C ASP B 146 9.12 12.28 -19.01
N ASP B 147 8.04 12.12 -18.25
CA ASP B 147 6.75 12.60 -18.71
C ASP B 147 5.82 12.75 -17.49
N GLU B 148 4.63 13.27 -17.74
CA GLU B 148 3.64 13.49 -16.70
C GLU B 148 2.83 12.22 -16.45
N GLN B 149 1.99 12.27 -15.42
CA GLN B 149 1.08 11.18 -15.12
C GLN B 149 -0.15 11.27 -16.00
N TYR B 150 -0.55 10.14 -16.58
CA TYR B 150 -1.69 10.09 -17.48
C TYR B 150 -2.68 9.05 -17.00
N ILE B 151 -3.94 9.23 -17.39
CA ILE B 151 -4.99 8.26 -17.14
C ILE B 151 -5.69 7.95 -18.46
N TRP B 152 -6.06 6.68 -18.65
CA TRP B 152 -6.66 6.24 -19.90
C TRP B 152 -7.67 5.16 -19.60
N GLU B 153 -8.93 5.42 -19.90
CA GLU B 153 -9.98 4.42 -19.77
C GLU B 153 -9.96 3.51 -20.99
N SER B 154 -10.54 2.32 -20.83
CA SER B 154 -10.56 1.32 -21.89
C SER B 154 -11.77 0.42 -21.70
N ALA B 155 -12.54 0.22 -22.77
CA ALA B 155 -13.68 -0.66 -22.73
C ALA B 155 -13.95 -1.14 -24.15
N ALA B 156 -14.37 -2.40 -24.28
CA ALA B 156 -14.56 -3.01 -25.59
C ALA B 156 -15.51 -2.18 -26.44
N GLY B 157 -15.01 -1.66 -27.56
CA GLY B 157 -15.81 -0.83 -28.42
C GLY B 157 -15.93 0.62 -27.98
N GLY B 158 -15.02 1.07 -27.13
CA GLY B 158 -15.08 2.44 -26.60
C GLY B 158 -13.97 3.31 -27.12
N THR B 159 -14.20 4.61 -27.21
CA THR B 159 -13.15 5.56 -27.67
C THR B 159 -12.82 6.50 -26.51
N PHE B 160 -11.58 6.48 -26.03
CA PHE B 160 -11.25 7.29 -24.83
C PHE B 160 -10.02 8.16 -25.07
N THR B 161 -9.99 9.33 -24.44
CA THR B 161 -8.87 10.24 -24.57
C THR B 161 -7.82 9.94 -23.52
N ILE B 162 -6.56 9.99 -23.93
CA ILE B 162 -5.46 10.04 -22.96
C ILE B 162 -5.44 11.44 -22.38
N THR B 163 -5.69 11.52 -21.07
CA THR B 163 -5.80 12.83 -20.40
C THR B 163 -4.77 12.89 -19.26
N GLU B 164 -4.16 14.06 -19.06
CA GLU B 164 -3.17 14.23 -17.97
C GLU B 164 -3.89 14.04 -16.63
N ASP B 165 -3.31 13.27 -15.72
CA ASP B 165 -3.98 12.99 -14.43
C ASP B 165 -3.63 14.12 -13.46
N THR B 166 -4.55 15.05 -13.28
CA THR B 166 -4.33 16.15 -12.36
C THR B 166 -5.00 15.94 -11.01
N GLU B 167 -5.95 15.02 -10.91
CA GLU B 167 -6.69 14.82 -9.67
C GLU B 167 -6.26 13.58 -8.89
N GLY B 168 -5.96 12.48 -9.59
CA GLY B 168 -5.68 11.22 -8.96
C GLY B 168 -4.42 11.21 -8.12
N PRO B 169 -4.29 10.21 -7.24
CA PRO B 169 -3.12 10.15 -6.37
C PRO B 169 -1.83 9.88 -7.13
N ARG B 170 -0.74 10.46 -6.63
CA ARG B 170 0.55 10.36 -7.29
C ARG B 170 1.07 8.93 -7.26
N LEU B 171 1.53 8.45 -8.42
CA LEU B 171 2.13 7.11 -8.51
C LEU B 171 3.61 7.10 -8.13
N GLY B 172 4.28 8.24 -8.21
CA GLY B 172 5.73 8.26 -8.10
C GLY B 172 6.38 7.83 -9.40
N ARG B 173 6.16 6.56 -9.76
CA ARG B 173 6.60 5.96 -11.01
C ARG B 173 5.91 4.61 -11.14
N GLY B 174 5.53 4.25 -12.38
CA GLY B 174 4.98 2.93 -12.61
C GLY B 174 3.63 2.99 -13.28
N THR B 175 2.87 1.91 -13.13
CA THR B 175 1.58 1.77 -13.78
C THR B 175 0.60 1.15 -12.79
N SER B 176 -0.66 1.60 -12.85
CA SER B 176 -1.72 1.06 -12.02
C SER B 176 -2.93 0.73 -12.89
N MET B 177 -3.27 -0.56 -12.94
CA MET B 177 -4.39 -1.09 -13.72
C MET B 177 -5.56 -1.27 -12.79
N LYS B 178 -6.65 -0.54 -13.02
CA LYS B 178 -7.84 -0.63 -12.18
C LYS B 178 -8.92 -1.35 -12.98
N LEU B 179 -9.22 -2.58 -12.61
CA LEU B 179 -10.18 -3.39 -13.33
C LEU B 179 -11.55 -3.28 -12.66
N PHE B 180 -12.57 -2.94 -13.44
CA PHE B 180 -13.95 -2.95 -12.95
C PHE B 180 -14.56 -4.31 -13.27
N ILE B 181 -14.70 -5.15 -12.24
CA ILE B 181 -15.00 -6.56 -12.45
C ILE B 181 -16.43 -6.74 -12.92
N LYS B 182 -16.64 -7.69 -13.84
CA LYS B 182 -17.97 -8.04 -14.28
C LYS B 182 -18.83 -8.54 -13.11
N GLU B 183 -20.14 -8.29 -13.21
CA GLU B 183 -21.06 -8.54 -12.10
C GLU B 183 -20.97 -9.97 -11.58
N ASP B 184 -20.93 -10.95 -12.48
CA ASP B 184 -21.00 -12.34 -12.09
C ASP B 184 -19.63 -12.97 -11.81
N LEU B 185 -18.57 -12.17 -11.73
CA LEU B 185 -17.22 -12.69 -11.52
C LEU B 185 -16.57 -12.12 -10.26
N LYS B 186 -17.37 -11.77 -9.26
CA LYS B 186 -16.78 -11.13 -8.09
C LYS B 186 -15.92 -12.09 -7.27
N GLU B 187 -15.85 -13.36 -7.67
CA GLU B 187 -14.90 -14.29 -7.04
C GLU B 187 -13.47 -13.80 -7.18
N TYR B 188 -13.18 -13.05 -8.23
CA TYR B 188 -11.81 -12.56 -8.43
C TYR B 188 -11.47 -11.40 -7.50
N LEU B 189 -12.36 -11.04 -6.59
CA LEU B 189 -12.03 -10.09 -5.54
C LEU B 189 -11.76 -10.78 -4.21
N GLU B 190 -12.05 -12.07 -4.10
CA GLU B 190 -11.84 -12.79 -2.85
C GLU B 190 -10.34 -13.01 -2.61
N GLU B 191 -9.96 -12.97 -1.33
CA GLU B 191 -8.56 -13.09 -0.95
C GLU B 191 -7.99 -14.45 -1.32
N LYS B 192 -8.66 -15.53 -0.90
CA LYS B 192 -8.12 -16.86 -1.14
C LYS B 192 -8.10 -17.20 -2.63
N ARG B 193 -9.09 -16.68 -3.38
CA ARG B 193 -9.09 -16.91 -4.82
C ARG B 193 -7.92 -16.21 -5.50
N ILE B 194 -7.65 -14.95 -5.11
CA ILE B 194 -6.50 -14.25 -5.69
C ILE B 194 -5.20 -14.96 -5.35
N ARG B 195 -5.07 -15.38 -4.08
CA ARG B 195 -3.81 -15.96 -3.64
C ARG B 195 -3.51 -17.28 -4.34
N GLU B 196 -4.52 -18.12 -4.52
CA GLU B 196 -4.28 -19.38 -5.20
C GLU B 196 -3.99 -19.17 -6.68
N ILE B 197 -4.55 -18.12 -7.28
CA ILE B 197 -4.26 -17.86 -8.69
C ILE B 197 -2.83 -17.38 -8.86
N VAL B 198 -2.34 -16.55 -7.93
CA VAL B 198 -0.97 -16.06 -8.02
C VAL B 198 0.02 -17.21 -7.86
N LYS B 199 -0.20 -18.06 -6.86
CA LYS B 199 0.72 -19.17 -6.61
C LYS B 199 0.76 -20.13 -7.80
N LYS B 200 -0.34 -20.27 -8.51
CA LYS B 200 -0.42 -21.23 -9.61
C LYS B 200 0.34 -20.72 -10.83
N HIS B 201 0.16 -19.45 -11.19
CA HIS B 201 0.58 -18.93 -12.48
C HIS B 201 1.78 -17.98 -12.42
N SER B 202 2.26 -17.64 -11.23
CA SER B 202 3.31 -16.63 -11.16
C SER B 202 4.42 -17.01 -10.20
N GLU B 203 4.61 -18.31 -9.99
CA GLU B 203 5.81 -18.89 -9.38
C GLU B 203 7.12 -18.13 -9.63
N PHE B 204 7.58 -18.05 -10.88
CA PHE B 204 8.95 -17.60 -11.11
C PHE B 204 9.05 -16.10 -11.39
N ILE B 205 8.18 -15.30 -10.76
CA ILE B 205 8.33 -13.85 -10.74
C ILE B 205 9.36 -13.47 -9.70
N SER B 206 10.33 -12.64 -10.08
CA SER B 206 11.43 -12.32 -9.19
C SER B 206 11.14 -11.16 -8.23
N TYR B 207 10.02 -10.46 -8.40
CA TYR B 207 9.74 -9.27 -7.60
C TYR B 207 8.73 -9.58 -6.51
N PRO B 208 8.73 -8.79 -5.44
CA PRO B 208 7.71 -8.98 -4.38
C PRO B 208 6.32 -8.79 -4.95
N ILE B 209 5.46 -9.77 -4.74
CA ILE B 209 4.04 -9.66 -5.06
C ILE B 209 3.29 -9.53 -3.74
N GLN B 210 2.61 -8.40 -3.55
CA GLN B 210 1.91 -8.08 -2.32
C GLN B 210 0.40 -8.10 -2.57
N LEU B 211 -0.35 -8.51 -1.55
CA LEU B 211 -1.81 -8.46 -1.59
C LEU B 211 -2.28 -7.65 -0.39
N VAL B 212 -3.16 -6.68 -0.64
CA VAL B 212 -3.71 -5.86 0.43
C VAL B 212 -5.03 -6.49 0.87
N VAL B 213 -5.04 -7.01 2.09
CA VAL B 213 -6.20 -7.69 2.67
C VAL B 213 -6.81 -6.78 3.73
N THR B 214 -8.13 -6.72 3.75
CA THR B 214 -8.85 -5.86 4.67
C THR B 214 -9.67 -6.73 5.61
N LYS B 215 -9.62 -6.41 6.90
CA LYS B 215 -10.45 -7.10 7.88
C LYS B 215 -11.93 -6.87 7.56
N GLU B 216 -12.73 -7.95 7.55
CA GLU B 216 -14.16 -7.84 7.25
C GLU B 216 -14.98 -7.76 8.53
N THR B 217 -16.03 -6.95 8.48
CA THR B 217 -16.88 -6.75 9.66
C THR B 217 -17.96 -7.82 9.75
C12 W8S C . -1.04 9.42 20.43
C01 W8S C . 3.42 11.02 25.40
C03 W8S C . 4.79 10.73 23.50
C04 W8S C . 3.63 10.62 22.75
C05 W8S C . 3.70 10.47 21.37
C06 W8S C . 4.92 10.43 20.73
C07 W8S C . 6.08 10.53 21.49
C08 W8S C . 6.01 10.68 22.87
C09 W8S C . 2.40 10.33 20.59
C13 W8S C . 0.81 10.29 19.03
C15 W8S C . -0.23 9.31 16.93
C16 W8S C . 0.18 8.03 17.28
C17 W8S C . -0.17 6.96 16.45
C19 W8S C . -0.92 7.18 15.31
C20 W8S C . -1.35 8.44 14.96
C22 W8S C . -1.00 9.51 15.78
C23 W8S C . -1.46 10.93 15.39
C26 W8S C . -3.25 11.00 17.25
C27 W8S C . -4.41 11.98 17.53
C28 W8S C . -4.26 13.09 16.75
C29 W8S C . -3.00 12.93 15.88
C30 W8S C . -5.20 14.15 16.84
C31 W8S C . -6.27 14.04 17.71
C32 W8S C . -6.42 12.91 18.50
C33 W8S C . -5.50 11.88 18.43
C34 W8S C . 2.13 10.60 19.24
N10 W8S C . 1.28 9.88 21.14
N11 W8S C . 0.32 9.87 20.17
N14 W8S C . 0.10 10.45 17.77
N25 W8S C . -2.51 11.60 16.13
O02 W8S C . 4.72 10.90 24.89
O18 W8S C . 0.22 5.66 16.74
O21 W8S C . -2.11 8.64 13.82
O24 W8S C . -0.91 11.49 14.51
C1 BEN D . -7.70 -9.59 9.34
C2 BEN D . -7.62 -9.14 8.03
C3 BEN D . -6.85 -8.02 7.71
C4 BEN D . -6.15 -7.36 8.71
C5 BEN D . -6.22 -7.82 10.02
C6 BEN D . -6.98 -8.93 10.33
C BEN D . -8.48 -10.72 9.65
N1 BEN D . -9.64 -10.58 10.26
N2 BEN D . -8.05 -11.94 9.40
CL CL E . 7.60 -9.67 4.72
C12 W8S F . 2.03 -3.98 -22.20
C01 W8S F . -5.91 1.50 -22.90
C03 W8S F . -3.84 0.35 -23.13
C04 W8S F . -2.68 -0.15 -22.56
C05 W8S F . -1.90 -1.07 -23.25
C06 W8S F . -2.29 -1.50 -24.50
C07 W8S F . -3.46 -1.01 -25.08
C08 W8S F . -4.24 -0.08 -24.39
C09 W8S F . -0.63 -1.61 -22.61
C13 W8S F . 1.16 -1.84 -21.30
C15 W8S F . 2.02 -2.17 -18.95
C16 W8S F . 0.99 -3.05 -18.67
C17 W8S F . 0.85 -3.55 -17.39
C19 W8S F . 1.75 -3.20 -16.39
C20 W8S F . 2.80 -2.33 -16.68
C22 W8S F . 2.92 -1.82 -17.96
C23 W8S F . 4.06 -0.84 -18.30
C26 W8S F . 5.35 -2.69 -19.59
C27 W8S F . 6.79 -2.75 -20.14
C28 W8S F . 7.35 -1.50 -20.10
C29 W8S F . 6.33 -0.52 -19.50
C30 W8S F . 8.67 -1.29 -20.55
C31 W8S F . 9.40 -2.36 -21.04
C32 W8S F . 8.84 -3.63 -21.09
C33 W8S F . 7.54 -3.84 -20.64
C34 W8S F . 0.10 -1.02 -21.56
N10 W8S F . -0.01 -2.74 -22.94
N11 W8S F . 1.09 -2.87 -22.14
N14 W8S F . 2.19 -1.63 -20.30
N25 W8S F . 5.19 -1.33 -19.09
O02 W8S F . -4.61 1.29 -22.42
O18 W8S F . -0.20 -4.43 -17.12
O21 W8S F . 3.71 -1.94 -15.71
O24 W8S F . 4.01 0.29 -17.94
C1 BEN G . 0.13 -15.43 -1.61
C2 BEN G . 0.52 -14.40 -0.77
C3 BEN G . 0.50 -13.08 -1.20
C4 BEN G . 0.09 -12.77 -2.51
C5 BEN G . -0.30 -13.80 -3.35
C6 BEN G . -0.28 -15.13 -2.92
C BEN G . 0.14 -16.76 -1.16
N1 BEN G . -0.65 -17.18 -0.21
N2 BEN G . 0.93 -17.66 -1.72
#